data_1KO5
#
_entry.id   1KO5
#
_cell.length_a   43.274
_cell.length_b   89.206
_cell.length_c   51.479
_cell.angle_alpha   90.00
_cell.angle_beta   105.14
_cell.angle_gamma   90.00
#
_symmetry.space_group_name_H-M   'P 1 21 1'
#
loop_
_entity.id
_entity.type
_entity.pdbx_description
1 polymer 'Gluconate kinase'
2 non-polymer 'MAGNESIUM ION'
3 non-polymer "ADENOSINE-5'-TRIPHOSPHATE"
4 water water
#
_entity_poly.entity_id   1
_entity_poly.type   'polypeptide(L)'
_entity_poly.pdbx_seq_one_letter_code
;MSTTNHDHHIYVLMGVSGSGKSAVASEVAHQLHAAFLDGDFLHPRRNIEKMASGEPLNDDDRKPWLQALNDAAFAMQRTN
KVSLIVCSALKKHYRDLLREGNPNLSFIYLKGDFDVIESRLKARKGHFFKTQMLVTQFETLQEPGADETDVLVVDIDQPL
EGVVASTIEVIKKGK
;
_entity_poly.pdbx_strand_id   A,B
#
loop_
_chem_comp.id
_chem_comp.type
_chem_comp.name
_chem_comp.formula
ATP non-polymer ADENOSINE-5'-TRIPHOSPHATE 'C10 H16 N5 O13 P3'
MG non-polymer 'MAGNESIUM ION' 'Mg 2'
#
# COMPACT_ATOMS: atom_id res chain seq x y z
N THR A 3 -2.03 10.63 -19.70
CA THR A 3 -1.21 9.65 -18.90
C THR A 3 -1.15 10.07 -17.46
N THR A 4 -0.68 11.29 -17.22
CA THR A 4 -0.91 11.88 -15.94
C THR A 4 -2.40 12.26 -15.99
N ASN A 5 -3.17 11.89 -14.97
CA ASN A 5 -4.58 12.26 -14.90
C ASN A 5 -4.73 13.45 -13.96
N HIS A 6 -4.83 14.63 -14.55
CA HIS A 6 -4.79 15.86 -13.77
C HIS A 6 -5.96 16.06 -12.85
N ASP A 7 -7.00 15.23 -12.98
CA ASP A 7 -8.11 15.30 -12.04
C ASP A 7 -7.94 14.35 -10.88
N HIS A 8 -6.86 13.57 -10.91
CA HIS A 8 -6.55 12.70 -9.78
C HIS A 8 -5.41 13.33 -9.04
N HIS A 9 -5.35 13.19 -7.74
CA HIS A 9 -4.28 13.82 -6.99
C HIS A 9 -3.59 12.82 -6.04
N ILE A 10 -2.33 13.09 -5.74
CA ILE A 10 -1.53 12.27 -4.80
C ILE A 10 -1.10 13.16 -3.62
N TYR A 11 -1.25 12.66 -2.40
CA TYR A 11 -0.82 13.40 -1.21
C TYR A 11 0.17 12.55 -0.44
N VAL A 12 1.38 13.08 -0.32
CA VAL A 12 2.43 12.41 0.42
C VAL A 12 2.36 12.91 1.85
N LEU A 13 1.94 12.06 2.79
CA LEU A 13 1.96 12.45 4.21
C LEU A 13 3.40 12.50 4.72
N MET A 14 3.86 13.66 5.14
CA MET A 14 5.26 13.77 5.55
C MET A 14 5.43 14.34 6.97
N GLY A 15 6.66 14.25 7.47
CA GLY A 15 6.96 14.75 8.80
C GLY A 15 7.91 13.82 9.51
N VAL A 16 8.44 14.24 10.64
CA VAL A 16 9.38 13.38 11.31
C VAL A 16 8.74 12.12 11.92
N SER A 17 9.58 11.17 12.30
CA SER A 17 9.12 9.97 12.98
C SER A 17 8.31 10.35 14.22
N GLY A 18 7.15 9.73 14.40
CA GLY A 18 6.30 10.03 15.53
C GLY A 18 5.36 11.20 15.32
N SER A 19 5.26 11.68 14.09
CA SER A 19 4.45 12.86 13.86
C SER A 19 3.03 12.49 13.47
N GLY A 20 2.77 11.22 13.27
CA GLY A 20 1.43 10.73 13.00
C GLY A 20 1.15 10.24 11.58
N LYS A 21 2.19 10.15 10.76
CA LYS A 21 2.00 9.80 9.36
C LYS A 21 1.17 8.55 9.18
N SER A 22 1.57 7.45 9.81
CA SER A 22 0.79 6.21 9.65
C SER A 22 -0.64 6.30 10.23
N ALA A 23 -0.79 6.88 11.42
CA ALA A 23 -2.11 6.93 12.04
C ALA A 23 -3.00 7.80 11.19
N VAL A 24 -2.58 9.03 10.93
CA VAL A 24 -3.40 9.90 10.12
C VAL A 24 -3.75 9.29 8.76
N ALA A 25 -2.72 8.86 8.03
CA ALA A 25 -2.93 8.28 6.70
C ALA A 25 -3.85 7.07 6.73
N SER A 26 -3.69 6.21 7.74
CA SER A 26 -4.58 5.06 7.92
C SER A 26 -6.05 5.48 8.02
N GLU A 27 -6.31 6.49 8.84
CA GLU A 27 -7.69 6.91 9.06
C GLU A 27 -8.23 7.67 7.88
N VAL A 28 -7.40 8.56 7.33
CA VAL A 28 -7.86 9.36 6.22
C VAL A 28 -8.23 8.50 5.01
N ALA A 29 -7.53 7.38 4.80
CA ALA A 29 -7.85 6.56 3.63
C ALA A 29 -9.10 5.74 3.86
N HIS A 30 -9.30 5.34 5.11
CA HIS A 30 -10.48 4.61 5.50
C HIS A 30 -11.72 5.47 5.25
N GLN A 31 -11.75 6.65 5.88
CA GLN A 31 -12.90 7.55 5.77
C GLN A 31 -13.15 8.08 4.35
N LEU A 32 -12.11 8.13 3.52
CA LEU A 32 -12.28 8.71 2.19
C LEU A 32 -12.38 7.68 1.08
N HIS A 33 -12.20 6.42 1.42
CA HIS A 33 -12.12 5.35 0.42
C HIS A 33 -11.02 5.66 -0.60
N ALA A 34 -9.87 6.10 -0.08
CA ALA A 34 -8.75 6.47 -0.93
C ALA A 34 -7.69 5.38 -0.96
N ALA A 35 -6.91 5.39 -2.01
CA ALA A 35 -5.78 4.48 -2.12
C ALA A 35 -4.72 4.92 -1.11
N PHE A 36 -3.98 3.95 -0.61
CA PHE A 36 -3.03 4.22 0.44
C PHE A 36 -1.83 3.32 0.30
N LEU A 37 -0.63 3.91 0.23
CA LEU A 37 0.60 3.17 0.14
C LEU A 37 1.58 3.64 1.22
N ASP A 38 2.08 2.70 2.03
CA ASP A 38 3.14 3.01 2.98
C ASP A 38 4.46 2.93 2.21
N GLY A 39 5.15 4.06 2.09
CA GLY A 39 6.40 4.14 1.34
C GLY A 39 7.51 3.19 1.76
N ASP A 40 7.55 2.76 3.02
CA ASP A 40 8.60 1.82 3.42
C ASP A 40 8.57 0.53 2.61
N PHE A 41 7.44 0.17 2.01
CA PHE A 41 7.36 -1.11 1.34
C PHE A 41 7.97 -1.06 -0.04
N LEU A 42 8.45 0.12 -0.46
CA LEU A 42 9.03 0.23 -1.77
C LEU A 42 10.56 0.12 -1.73
N HIS A 43 11.14 0.00 -0.55
CA HIS A 43 12.60 -0.18 -0.50
C HIS A 43 13.00 -1.44 -1.25
N PRO A 44 14.03 -1.33 -2.09
CA PRO A 44 14.63 -2.51 -2.73
C PRO A 44 15.16 -3.53 -1.69
N ARG A 45 15.31 -4.78 -2.12
CA ARG A 45 15.83 -5.85 -1.27
C ARG A 45 17.12 -5.38 -0.59
N ARG A 46 18.00 -4.79 -1.40
CA ARG A 46 19.24 -4.16 -0.96
C ARG A 46 19.09 -3.41 0.35
N ASN A 47 18.07 -2.56 0.42
CA ASN A 47 17.93 -1.68 1.57
C ASN A 47 17.41 -2.39 2.79
N ILE A 48 16.55 -3.36 2.56
CA ILE A 48 15.99 -4.12 3.65
C ILE A 48 17.09 -4.93 4.34
N GLU A 49 18.06 -5.38 3.56
CA GLU A 49 19.14 -6.18 4.12
C GLU A 49 20.15 -5.27 4.80
N LYS A 50 20.51 -4.17 4.14
CA LYS A 50 21.39 -3.21 4.79
C LYS A 50 20.75 -2.99 6.16
N MET A 51 19.53 -2.46 6.15
CA MET A 51 18.83 -2.19 7.42
C MET A 51 18.80 -3.31 8.45
N ALA A 52 18.53 -4.55 8.02
CA ALA A 52 18.50 -5.66 8.96
C ALA A 52 19.85 -5.76 9.67
N SER A 53 20.91 -5.54 8.89
CA SER A 53 22.27 -5.61 9.39
C SER A 53 22.67 -4.35 10.15
N GLY A 54 21.68 -3.57 10.55
CA GLY A 54 21.94 -2.40 11.38
C GLY A 54 22.69 -1.20 10.81
N GLU A 55 23.14 -1.27 9.56
CA GLU A 55 23.78 -0.13 8.91
C GLU A 55 22.66 0.85 8.55
N PRO A 56 22.90 2.16 8.64
CA PRO A 56 21.88 3.15 8.30
C PRO A 56 21.98 3.60 6.85
N LEU A 57 20.85 3.60 6.15
CA LEU A 57 20.81 4.02 4.76
C LEU A 57 21.49 5.37 4.52
N ASN A 58 21.92 5.59 3.28
CA ASN A 58 22.46 6.87 2.85
C ASN A 58 21.61 7.43 1.69
N ASP A 59 21.80 8.72 1.37
CA ASP A 59 21.07 9.35 0.29
C ASP A 59 21.22 8.60 -1.02
N ASP A 60 22.35 7.92 -1.20
CA ASP A 60 22.52 7.09 -2.40
C ASP A 60 21.62 5.85 -2.34
N ASP A 61 21.35 5.34 -1.13
CA ASP A 61 20.44 4.19 -1.00
C ASP A 61 18.95 4.62 -1.13
N ARG A 62 18.66 5.83 -0.70
CA ARG A 62 17.32 6.38 -0.68
C ARG A 62 16.85 6.67 -2.09
N LYS A 63 17.80 7.00 -2.95
CA LYS A 63 17.54 7.34 -4.34
C LYS A 63 16.70 6.32 -5.16
N PRO A 64 17.10 5.04 -5.17
CA PRO A 64 16.32 3.97 -5.81
C PRO A 64 14.97 3.74 -5.14
N TRP A 65 14.93 3.93 -3.82
CA TRP A 65 13.67 3.78 -3.11
C TRP A 65 12.72 4.87 -3.53
N LEU A 66 13.21 6.11 -3.54
CA LEU A 66 12.39 7.27 -3.89
C LEU A 66 11.84 7.23 -5.33
N GLN A 67 12.63 6.74 -6.28
CA GLN A 67 12.24 6.61 -7.69
C GLN A 67 11.11 5.60 -7.83
N ALA A 68 11.18 4.57 -6.98
CA ALA A 68 10.14 3.55 -6.98
C ALA A 68 8.90 4.15 -6.34
N LEU A 69 9.11 4.99 -5.33
CA LEU A 69 8.00 5.73 -4.75
C LEU A 69 7.34 6.56 -5.84
N ASN A 70 8.18 7.29 -6.59
CA ASN A 70 7.71 8.13 -7.67
C ASN A 70 6.84 7.32 -8.61
N ASP A 71 7.38 6.20 -9.03
CA ASP A 71 6.68 5.33 -9.98
C ASP A 71 5.38 4.76 -9.42
N ALA A 72 5.38 4.43 -8.15
CA ALA A 72 4.16 3.92 -7.54
C ALA A 72 3.09 5.01 -7.45
N ALA A 73 3.52 6.26 -7.25
CA ALA A 73 2.59 7.39 -7.22
C ALA A 73 1.95 7.55 -8.63
N PHE A 74 2.80 7.42 -9.64
CA PHE A 74 2.39 7.47 -11.04
C PHE A 74 1.29 6.43 -11.35
N ALA A 75 1.44 5.24 -10.79
CA ALA A 75 0.49 4.17 -10.95
C ALA A 75 -0.78 4.39 -10.14
N MET A 76 -0.62 4.79 -8.90
CA MET A 76 -1.80 4.97 -8.06
C MET A 76 -2.73 6.01 -8.67
N GLN A 77 -2.15 7.04 -9.31
CA GLN A 77 -2.94 8.12 -9.85
C GLN A 77 -3.64 7.70 -11.14
N ARG A 78 -3.30 6.52 -11.65
CA ARG A 78 -4.03 6.05 -12.83
C ARG A 78 -5.45 5.65 -12.49
N THR A 79 -5.72 5.19 -11.26
CA THR A 79 -7.06 4.69 -10.97
C THR A 79 -7.76 5.23 -9.74
N ASN A 80 -7.19 6.23 -9.08
CA ASN A 80 -7.85 6.79 -7.90
C ASN A 80 -7.82 8.32 -7.93
N LYS A 81 -8.95 8.96 -7.64
CA LYS A 81 -8.98 10.41 -7.53
C LYS A 81 -8.04 10.91 -6.44
N VAL A 82 -8.04 10.23 -5.31
CA VAL A 82 -7.22 10.58 -4.16
C VAL A 82 -6.32 9.41 -3.77
N SER A 83 -5.02 9.63 -3.78
CA SER A 83 -4.07 8.60 -3.39
C SER A 83 -3.17 9.17 -2.31
N LEU A 84 -3.05 8.45 -1.20
CA LEU A 84 -2.19 8.80 -0.06
C LEU A 84 -0.95 7.91 0.05
N ILE A 85 0.22 8.53 0.20
CA ILE A 85 1.49 7.82 0.39
C ILE A 85 2.13 8.25 1.69
N VAL A 86 2.62 7.30 2.47
CA VAL A 86 3.32 7.64 3.70
C VAL A 86 4.81 7.66 3.39
N CYS A 87 5.44 8.81 3.65
CA CYS A 87 6.87 9.00 3.47
C CYS A 87 7.36 10.20 4.24
N SER A 88 8.26 9.96 5.16
CA SER A 88 8.76 11.06 5.96
C SER A 88 9.23 12.25 5.12
N ALA A 89 9.93 11.97 4.01
CA ALA A 89 10.34 13.00 3.06
C ALA A 89 11.05 14.18 3.70
N LEU A 90 12.02 13.91 4.55
CA LEU A 90 12.66 14.98 5.32
C LEU A 90 13.41 16.03 4.53
N LYS A 91 14.11 15.62 3.49
CA LYS A 91 14.93 16.55 2.73
C LYS A 91 14.20 17.07 1.53
N LYS A 92 14.40 18.36 1.21
CA LYS A 92 13.76 18.91 0.05
C LYS A 92 14.05 18.03 -1.15
N HIS A 93 15.31 17.64 -1.26
CA HIS A 93 15.75 16.86 -2.40
C HIS A 93 14.95 15.55 -2.55
N TYR A 94 14.50 14.95 -1.45
CA TYR A 94 13.65 13.75 -1.54
C TYR A 94 12.29 14.14 -2.13
N ARG A 95 11.84 15.34 -1.78
CA ARG A 95 10.56 15.81 -2.24
C ARG A 95 10.61 16.07 -3.75
N ASP A 96 11.69 16.70 -4.21
CA ASP A 96 11.90 16.89 -5.64
C ASP A 96 11.83 15.56 -6.36
N LEU A 97 12.49 14.53 -5.82
CA LEU A 97 12.52 13.23 -6.49
C LEU A 97 11.11 12.65 -6.58
N LEU A 98 10.26 12.95 -5.61
CA LEU A 98 8.88 12.47 -5.65
C LEU A 98 8.03 13.28 -6.60
N ARG A 99 8.35 14.58 -6.71
CA ARG A 99 7.63 15.50 -7.58
C ARG A 99 7.81 15.21 -9.06
N GLU A 100 8.98 14.69 -9.42
CA GLU A 100 9.36 14.55 -10.82
C GLU A 100 8.35 13.72 -11.63
N GLY A 101 7.80 14.35 -12.66
CA GLY A 101 6.83 13.69 -13.50
C GLY A 101 5.48 13.53 -12.84
N ASN A 102 5.31 14.07 -11.63
CA ASN A 102 4.02 13.95 -10.95
C ASN A 102 3.48 15.34 -10.57
N PRO A 103 3.06 16.15 -11.56
CA PRO A 103 2.60 17.51 -11.29
C PRO A 103 1.35 17.46 -10.46
N ASN A 104 0.69 16.31 -10.45
CA ASN A 104 -0.51 16.19 -9.65
C ASN A 104 -0.16 15.68 -8.24
N LEU A 105 1.10 15.84 -7.86
CA LEU A 105 1.51 15.42 -6.52
C LEU A 105 1.69 16.60 -5.60
N SER A 106 1.22 16.43 -4.37
CA SER A 106 1.45 17.43 -3.35
C SER A 106 1.82 16.77 -2.00
N PHE A 107 2.28 17.56 -1.05
CA PHE A 107 2.57 17.03 0.28
C PHE A 107 1.65 17.60 1.35
N ILE A 108 1.43 16.80 2.39
CA ILE A 108 0.73 17.26 3.59
C ILE A 108 1.74 17.05 4.71
N TYR A 109 2.30 18.16 5.19
CA TYR A 109 3.28 18.14 6.23
C TYR A 109 2.62 18.12 7.59
N LEU A 110 2.83 17.04 8.32
CA LEU A 110 2.26 16.95 9.65
C LEU A 110 3.25 17.64 10.58
N LYS A 111 3.00 18.92 10.82
CA LYS A 111 3.98 19.74 11.53
C LYS A 111 3.75 19.79 13.02
N GLY A 112 4.78 19.46 13.77
CA GLY A 112 4.70 19.55 15.21
C GLY A 112 6.06 19.86 15.72
N ASP A 113 6.12 20.42 16.92
CA ASP A 113 7.42 20.65 17.48
C ASP A 113 7.86 19.46 18.30
N PHE A 114 9.15 19.47 18.59
CA PHE A 114 9.81 18.41 19.29
C PHE A 114 9.11 17.90 20.55
N ASP A 115 8.72 18.78 21.45
CA ASP A 115 8.18 18.28 22.73
C ASP A 115 6.85 17.54 22.56
N VAL A 116 6.03 17.98 21.63
CA VAL A 116 4.76 17.30 21.40
C VAL A 116 4.98 15.88 20.87
N ILE A 117 5.92 15.72 19.94
CA ILE A 117 6.15 14.44 19.32
C ILE A 117 6.84 13.51 20.30
N GLU A 118 7.71 14.09 21.11
CA GLU A 118 8.44 13.28 22.07
C GLU A 118 7.48 12.60 23.02
N SER A 119 6.55 13.35 23.61
CA SER A 119 5.64 12.73 24.55
C SER A 119 4.80 11.68 23.86
N ARG A 120 4.42 11.94 22.61
CA ARG A 120 3.65 10.94 21.88
C ARG A 120 4.46 9.68 21.61
N LEU A 121 5.76 9.81 21.37
CA LEU A 121 6.55 8.59 21.21
C LEU A 121 6.70 7.88 22.56
N LYS A 122 6.84 8.64 23.66
CA LYS A 122 7.03 8.03 24.97
C LYS A 122 5.81 7.26 25.45
N ALA A 123 4.63 7.76 25.10
CA ALA A 123 3.36 7.21 25.57
C ALA A 123 3.07 5.75 25.24
N ARG A 124 3.92 5.13 24.42
CA ARG A 124 3.75 3.74 24.03
C ARG A 124 4.33 2.76 25.06
N LYS A 125 3.44 1.99 25.70
CA LYS A 125 3.85 1.02 26.71
C LYS A 125 4.95 0.13 26.17
N GLY A 126 5.99 -0.07 26.97
CA GLY A 126 7.08 -0.94 26.58
C GLY A 126 8.07 -0.38 25.58
N HIS A 127 7.85 0.83 25.11
CA HIS A 127 8.77 1.38 24.13
C HIS A 127 9.89 2.18 24.75
N PHE A 128 11.13 1.70 24.62
CA PHE A 128 12.23 2.42 25.19
C PHE A 128 12.62 3.60 24.30
N PHE A 129 12.40 4.81 24.79
CA PHE A 129 12.65 6.03 24.01
C PHE A 129 14.07 6.58 24.03
N LYS A 130 14.68 6.66 22.86
CA LYS A 130 16.01 7.26 22.75
C LYS A 130 15.83 8.68 22.23
N THR A 131 16.14 9.65 23.08
CA THR A 131 15.96 11.03 22.66
C THR A 131 16.75 11.41 21.40
N GLN A 132 17.99 10.93 21.32
CA GLN A 132 18.86 11.23 20.19
C GLN A 132 18.27 10.91 18.81
N MET A 133 17.44 9.88 18.73
CA MET A 133 16.78 9.51 17.47
C MET A 133 15.92 10.66 16.95
N LEU A 134 15.18 11.29 17.84
CA LEU A 134 14.27 12.38 17.47
C LEU A 134 15.05 13.63 17.12
N VAL A 135 16.04 13.94 17.95
CA VAL A 135 16.93 15.08 17.73
C VAL A 135 17.38 15.06 16.27
N THR A 136 17.99 13.96 15.85
CA THR A 136 18.49 13.84 14.48
C THR A 136 17.39 14.00 13.42
N GLN A 137 16.21 13.42 13.70
CA GLN A 137 15.08 13.58 12.81
C GLN A 137 14.90 15.07 12.55
N PHE A 138 14.79 15.84 13.63
CA PHE A 138 14.70 17.29 13.51
C PHE A 138 15.94 17.94 12.85
N GLU A 139 17.11 17.34 13.05
CA GLU A 139 18.33 17.85 12.45
C GLU A 139 18.25 17.62 10.97
N THR A 140 17.76 16.45 10.58
CA THR A 140 17.67 16.09 9.17
C THR A 140 16.53 16.85 8.50
N LEU A 141 15.46 17.12 9.25
CA LEU A 141 14.30 17.79 8.68
C LEU A 141 14.66 19.11 8.00
N GLN A 142 14.29 19.24 6.74
CA GLN A 142 14.43 20.49 6.01
C GLN A 142 12.99 20.93 5.78
N GLU A 143 12.48 21.77 6.65
CA GLU A 143 11.08 22.18 6.57
C GLU A 143 10.74 22.82 5.23
N PRO A 144 9.67 22.35 4.60
CA PRO A 144 9.20 22.91 3.34
C PRO A 144 8.68 24.29 3.62
N GLY A 145 9.38 25.29 3.14
CA GLY A 145 8.91 26.65 3.27
C GLY A 145 7.87 27.01 2.22
N ALA A 146 7.48 28.28 2.26
CA ALA A 146 6.48 28.83 1.35
C ALA A 146 6.85 28.70 -0.12
N ASP A 147 8.15 28.77 -0.43
CA ASP A 147 8.58 28.55 -1.80
C ASP A 147 8.19 27.15 -2.32
N GLU A 148 7.90 26.20 -1.43
CA GLU A 148 7.41 24.88 -1.88
C GLU A 148 5.87 24.95 -1.89
N THR A 149 5.29 25.34 -3.03
CA THR A 149 3.86 25.65 -3.11
C THR A 149 2.88 24.51 -3.29
N ASP A 150 3.38 23.30 -3.34
CA ASP A 150 2.52 22.12 -3.42
C ASP A 150 2.54 21.44 -2.03
N VAL A 151 2.87 22.20 -1.02
CA VAL A 151 2.93 21.66 0.33
C VAL A 151 1.84 22.24 1.17
N LEU A 152 0.98 21.38 1.70
CA LEU A 152 -0.06 21.83 2.62
C LEU A 152 0.46 21.42 4.01
N VAL A 153 0.01 22.11 5.05
CA VAL A 153 0.56 21.89 6.37
C VAL A 153 -0.58 21.70 7.32
N VAL A 154 -0.46 20.75 8.24
CA VAL A 154 -1.54 20.44 9.15
C VAL A 154 -0.96 20.46 10.56
N ASP A 155 -1.66 21.07 11.51
CA ASP A 155 -1.19 21.21 12.90
C ASP A 155 -1.33 19.92 13.67
N ILE A 156 -0.23 19.32 14.11
CA ILE A 156 -0.39 18.09 14.89
C ILE A 156 -0.75 18.26 16.38
N ASP A 157 -0.56 19.44 16.95
CA ASP A 157 -0.86 19.61 18.37
C ASP A 157 -2.38 19.59 18.57
N GLN A 158 -2.93 18.40 18.39
CA GLN A 158 -4.36 18.23 18.29
C GLN A 158 -4.57 16.74 18.51
N PRO A 159 -5.70 16.32 19.06
CA PRO A 159 -5.97 14.90 19.21
C PRO A 159 -6.06 14.23 17.82
N LEU A 160 -5.87 12.92 17.74
CA LEU A 160 -5.89 12.23 16.45
C LEU A 160 -7.04 12.65 15.52
N GLU A 161 -8.25 12.73 16.06
CA GLU A 161 -9.42 13.13 15.27
C GLU A 161 -9.26 14.47 14.58
N GLY A 162 -8.58 15.41 15.24
CA GLY A 162 -8.40 16.74 14.70
C GLY A 162 -7.47 16.77 13.50
N VAL A 163 -6.28 16.21 13.66
CA VAL A 163 -5.33 16.14 12.55
C VAL A 163 -5.93 15.41 11.36
N VAL A 164 -6.67 14.34 11.64
CA VAL A 164 -7.42 13.60 10.63
C VAL A 164 -8.39 14.54 9.95
N ALA A 165 -9.06 15.37 10.74
CA ALA A 165 -10.03 16.31 10.17
C ALA A 165 -9.29 17.37 9.36
N SER A 166 -8.32 18.02 9.97
CA SER A 166 -7.49 19.01 9.27
C SER A 166 -6.91 18.44 7.98
N THR A 167 -6.51 17.17 8.03
CA THR A 167 -5.96 16.55 6.85
C THR A 167 -7.06 16.42 5.81
N ILE A 168 -8.22 15.96 6.24
CA ILE A 168 -9.35 15.89 5.32
C ILE A 168 -9.65 17.27 4.76
N GLU A 169 -9.72 18.28 5.63
CA GLU A 169 -10.02 19.64 5.17
C GLU A 169 -9.01 20.05 4.11
N VAL A 170 -7.75 19.78 4.39
CA VAL A 170 -6.68 20.12 3.50
C VAL A 170 -6.82 19.43 2.15
N ILE A 171 -7.25 18.18 2.18
CA ILE A 171 -7.44 17.43 0.94
C ILE A 171 -8.63 17.96 0.15
N LYS A 172 -9.74 18.24 0.83
CA LYS A 172 -10.96 18.71 0.18
C LYS A 172 -10.94 20.18 -0.25
N LYS A 173 -10.12 20.99 0.42
CA LYS A 173 -9.95 22.42 0.13
C LYS A 173 -9.78 22.66 -1.37
N GLY A 174 -9.76 21.57 -2.14
CA GLY A 174 -9.53 21.63 -3.58
C GLY A 174 -8.32 20.80 -3.95
N THR B 3 16.90 -12.59 7.61
CA THR B 3 16.02 -11.45 7.19
C THR B 3 14.54 -11.82 7.10
N THR B 4 14.25 -13.10 6.84
CA THR B 4 12.87 -13.55 6.81
C THR B 4 12.36 -13.68 8.23
N ASN B 5 11.44 -12.82 8.65
CA ASN B 5 10.93 -12.97 10.00
C ASN B 5 9.86 -14.06 10.02
N HIS B 6 10.32 -15.29 10.25
CA HIS B 6 9.44 -16.46 10.21
C HIS B 6 8.24 -16.39 11.18
N ASP B 7 8.21 -15.40 12.06
CA ASP B 7 7.08 -15.25 12.97
C ASP B 7 6.00 -14.29 12.44
N HIS B 8 6.35 -13.58 11.36
CA HIS B 8 5.45 -12.65 10.71
C HIS B 8 4.85 -13.32 9.46
N HIS B 9 3.64 -12.95 9.06
CA HIS B 9 3.07 -13.58 7.86
C HIS B 9 2.52 -12.61 6.79
N ILE B 10 2.48 -13.07 5.55
CA ILE B 10 1.93 -12.29 4.43
C ILE B 10 0.81 -13.10 3.77
N TYR B 11 -0.33 -12.45 3.52
CA TYR B 11 -1.45 -13.08 2.89
C TYR B 11 -1.76 -12.34 1.60
N VAL B 12 -1.74 -13.08 0.50
CA VAL B 12 -2.06 -12.53 -0.79
C VAL B 12 -3.51 -12.84 -1.11
N LEU B 13 -4.39 -11.87 -0.94
CA LEU B 13 -5.80 -12.11 -1.28
C LEU B 13 -5.86 -12.20 -2.81
N MET B 14 -6.36 -13.32 -3.33
CA MET B 14 -6.41 -13.59 -4.77
C MET B 14 -7.82 -13.98 -5.18
N GLY B 15 -8.04 -14.12 -6.48
CA GLY B 15 -9.37 -14.37 -7.00
C GLY B 15 -9.57 -13.52 -8.24
N VAL B 16 -10.59 -13.84 -9.02
CA VAL B 16 -10.82 -13.12 -10.25
C VAL B 16 -11.39 -11.75 -9.97
N SER B 17 -11.52 -10.96 -11.04
CA SER B 17 -12.08 -9.62 -10.92
C SER B 17 -13.49 -9.70 -10.41
N GLY B 18 -13.77 -8.99 -9.33
CA GLY B 18 -15.11 -9.01 -8.76
C GLY B 18 -15.31 -10.02 -7.63
N SER B 19 -14.26 -10.77 -7.30
CA SER B 19 -14.39 -11.74 -6.22
C SER B 19 -14.46 -11.07 -4.86
N GLY B 20 -13.96 -9.84 -4.77
CA GLY B 20 -14.02 -9.03 -3.56
C GLY B 20 -12.69 -8.68 -2.92
N LYS B 21 -11.61 -8.97 -3.63
CA LYS B 21 -10.26 -8.81 -3.07
C LYS B 21 -10.09 -7.48 -2.36
N SER B 22 -10.38 -6.41 -3.07
CA SER B 22 -10.20 -5.08 -2.51
C SER B 22 -11.08 -4.79 -1.27
N ALA B 23 -12.39 -5.06 -1.42
CA ALA B 23 -13.36 -4.72 -0.38
C ALA B 23 -13.05 -5.51 0.88
N VAL B 24 -12.60 -6.73 0.71
CA VAL B 24 -12.31 -7.59 1.84
C VAL B 24 -10.96 -7.24 2.48
N ALA B 25 -9.93 -7.11 1.64
CA ALA B 25 -8.63 -6.80 2.20
C ALA B 25 -8.65 -5.48 2.96
N SER B 26 -9.33 -4.48 2.42
CA SER B 26 -9.47 -3.18 3.07
C SER B 26 -10.00 -3.30 4.50
N GLU B 27 -11.21 -3.85 4.61
CA GLU B 27 -11.89 -3.97 5.89
C GLU B 27 -11.10 -4.86 6.85
N VAL B 28 -10.47 -5.91 6.31
CA VAL B 28 -9.73 -6.83 7.14
C VAL B 28 -8.47 -6.23 7.73
N ALA B 29 -7.80 -5.40 6.95
CA ALA B 29 -6.58 -4.78 7.43
C ALA B 29 -7.01 -3.74 8.45
N HIS B 30 -8.14 -3.13 8.21
CA HIS B 30 -8.65 -2.13 9.13
C HIS B 30 -8.92 -2.76 10.50
N GLN B 31 -9.64 -3.88 10.51
CA GLN B 31 -9.96 -4.58 11.75
C GLN B 31 -8.74 -5.21 12.45
N LEU B 32 -7.75 -5.66 11.69
CA LEU B 32 -6.60 -6.33 12.31
C LEU B 32 -5.42 -5.40 12.49
N HIS B 33 -5.57 -4.16 12.04
CA HIS B 33 -4.47 -3.21 12.10
C HIS B 33 -3.27 -3.82 11.39
N ALA B 34 -3.54 -4.51 10.29
CA ALA B 34 -2.51 -5.15 9.50
C ALA B 34 -1.97 -4.21 8.43
N ALA B 35 -0.78 -4.50 7.94
CA ALA B 35 -0.24 -3.74 6.82
C ALA B 35 -1.00 -4.14 5.54
N PHE B 36 -1.10 -3.23 4.58
CA PHE B 36 -1.90 -3.50 3.38
C PHE B 36 -1.30 -2.90 2.13
N LEU B 37 -1.17 -3.72 1.09
CA LEU B 37 -0.61 -3.26 -0.18
C LEU B 37 -1.49 -3.70 -1.34
N ASP B 38 -1.98 -2.75 -2.11
CA ASP B 38 -2.68 -3.07 -3.34
C ASP B 38 -1.57 -3.31 -4.37
N GLY B 39 -1.45 -4.55 -4.85
CA GLY B 39 -0.40 -4.94 -5.77
C GLY B 39 -0.35 -4.26 -7.13
N ASP B 40 -1.45 -3.63 -7.57
CA ASP B 40 -1.48 -2.86 -8.82
C ASP B 40 -0.56 -1.66 -8.74
N PHE B 41 -0.19 -1.25 -7.52
CA PHE B 41 0.62 -0.05 -7.39
C PHE B 41 2.10 -0.29 -7.66
N LEU B 42 2.48 -1.55 -7.80
CA LEU B 42 3.89 -1.92 -8.02
C LEU B 42 4.28 -2.11 -9.50
N HIS B 43 3.37 -1.84 -10.43
CA HIS B 43 3.67 -2.01 -11.85
C HIS B 43 4.77 -1.06 -12.26
N PRO B 44 5.75 -1.55 -13.00
CA PRO B 44 6.81 -0.67 -13.53
C PRO B 44 6.17 0.41 -14.39
N ARG B 45 6.87 1.54 -14.53
CA ARG B 45 6.37 2.64 -15.34
C ARG B 45 5.82 2.22 -16.72
N ARG B 46 6.57 1.37 -17.42
CA ARG B 46 6.21 0.91 -18.76
C ARG B 46 4.88 0.16 -18.83
N ASN B 47 4.62 -0.69 -17.85
CA ASN B 47 3.33 -1.36 -17.79
C ASN B 47 2.19 -0.35 -17.71
N ILE B 48 2.34 0.66 -16.87
CA ILE B 48 1.29 1.66 -16.69
C ILE B 48 0.94 2.32 -18.04
N GLU B 49 1.97 2.74 -18.77
CA GLU B 49 1.82 3.37 -20.08
C GLU B 49 1.17 2.40 -21.06
N LYS B 50 1.73 1.20 -21.11
CA LYS B 50 1.19 0.17 -21.98
C LYS B 50 -0.30 0.12 -21.74
N MET B 51 -0.71 -0.04 -20.49
CA MET B 51 -2.15 -0.12 -20.18
C MET B 51 -2.84 1.22 -20.41
N ALA B 52 -2.15 2.34 -20.14
CA ALA B 52 -2.75 3.65 -20.41
C ALA B 52 -3.19 3.68 -21.87
N SER B 53 -2.34 3.12 -22.74
CA SER B 53 -2.58 3.09 -24.18
C SER B 53 -3.71 2.13 -24.60
N GLY B 54 -4.27 1.37 -23.66
CA GLY B 54 -5.37 0.48 -24.03
C GLY B 54 -4.96 -0.95 -24.31
N GLU B 55 -3.66 -1.23 -24.24
CA GLU B 55 -3.20 -2.58 -24.50
C GLU B 55 -3.10 -3.36 -23.20
N PRO B 56 -3.46 -4.65 -23.24
CA PRO B 56 -3.35 -5.51 -22.07
C PRO B 56 -1.93 -6.04 -21.90
N LEU B 57 -1.58 -6.32 -20.66
CA LEU B 57 -0.26 -6.85 -20.34
C LEU B 57 -0.11 -8.27 -20.82
N ASN B 58 1.12 -8.65 -21.17
CA ASN B 58 1.38 -10.04 -21.47
C ASN B 58 2.23 -10.56 -20.30
N ASP B 59 2.55 -11.85 -20.29
CA ASP B 59 3.30 -12.40 -19.16
C ASP B 59 4.74 -11.86 -19.03
N ASP B 60 5.36 -11.40 -20.11
CA ASP B 60 6.68 -10.83 -19.92
C ASP B 60 6.56 -9.53 -19.12
N ASP B 61 5.48 -8.78 -19.36
CA ASP B 61 5.27 -7.52 -18.64
C ASP B 61 5.07 -7.78 -17.16
N ARG B 62 4.43 -8.90 -16.85
CA ARG B 62 4.01 -9.23 -15.50
C ARG B 62 5.16 -9.68 -14.58
N LYS B 63 6.17 -10.32 -15.16
CA LYS B 63 7.31 -10.81 -14.40
C LYS B 63 7.93 -9.78 -13.44
N PRO B 64 8.36 -8.64 -13.96
CA PRO B 64 9.03 -7.63 -13.14
C PRO B 64 8.02 -7.00 -12.19
N TRP B 65 6.76 -6.97 -12.62
CA TRP B 65 5.71 -6.51 -11.74
C TRP B 65 5.69 -7.45 -10.53
N LEU B 66 5.51 -8.73 -10.79
CA LEU B 66 5.43 -9.71 -9.70
C LEU B 66 6.71 -9.77 -8.85
N GLN B 67 7.87 -9.72 -9.51
CA GLN B 67 9.12 -9.72 -8.75
C GLN B 67 9.23 -8.52 -7.79
N ALA B 68 8.68 -7.39 -8.22
CA ALA B 68 8.68 -6.20 -7.40
C ALA B 68 7.68 -6.36 -6.25
N LEU B 69 6.55 -7.00 -6.54
CA LEU B 69 5.56 -7.26 -5.50
C LEU B 69 6.19 -8.13 -4.43
N ASN B 70 6.99 -9.10 -4.90
CA ASN B 70 7.70 -10.06 -4.06
C ASN B 70 8.58 -9.27 -3.08
N ASP B 71 9.37 -8.37 -3.60
CA ASP B 71 10.23 -7.57 -2.74
C ASP B 71 9.36 -6.73 -1.82
N ALA B 72 8.18 -6.32 -2.28
CA ALA B 72 7.36 -5.52 -1.41
C ALA B 72 6.85 -6.36 -0.22
N ALA B 73 6.42 -7.59 -0.49
CA ALA B 73 6.00 -8.48 0.58
C ALA B 73 7.18 -8.68 1.51
N PHE B 74 8.37 -8.77 0.92
CA PHE B 74 9.59 -9.00 1.67
C PHE B 74 9.82 -7.86 2.66
N ALA B 75 9.61 -6.64 2.17
CA ALA B 75 9.76 -5.45 2.99
C ALA B 75 8.69 -5.37 4.09
N MET B 76 7.43 -5.66 3.74
CA MET B 76 6.33 -5.61 4.71
C MET B 76 6.53 -6.53 5.92
N GLN B 77 7.00 -7.73 5.67
CA GLN B 77 7.14 -8.73 6.72
C GLN B 77 8.26 -8.36 7.69
N ARG B 78 9.00 -7.34 7.32
CA ARG B 78 10.04 -6.85 8.21
C ARG B 78 9.41 -6.24 9.45
N THR B 79 8.32 -5.49 9.30
CA THR B 79 7.77 -4.74 10.44
C THR B 79 6.30 -4.97 10.79
N ASN B 80 5.68 -5.93 10.13
CA ASN B 80 4.29 -6.19 10.39
C ASN B 80 4.05 -7.67 10.63
N LYS B 81 3.20 -7.97 11.59
CA LYS B 81 2.94 -9.37 11.93
C LYS B 81 1.99 -9.94 10.88
N VAL B 82 0.98 -9.15 10.52
CA VAL B 82 0.07 -9.53 9.48
C VAL B 82 0.20 -8.52 8.33
N SER B 83 0.45 -9.06 7.15
CA SER B 83 0.56 -8.28 5.92
C SER B 83 -0.43 -8.75 4.84
N LEU B 84 -1.25 -7.83 4.34
CA LEU B 84 -2.18 -8.17 3.27
C LEU B 84 -1.74 -7.57 1.93
N ILE B 85 -1.84 -8.36 0.87
CA ILE B 85 -1.52 -7.89 -0.47
C ILE B 85 -2.62 -8.30 -1.43
N VAL B 86 -3.15 -7.36 -2.20
CA VAL B 86 -4.19 -7.70 -3.15
C VAL B 86 -3.51 -7.96 -4.48
N CYS B 87 -3.77 -9.15 -5.05
CA CYS B 87 -3.24 -9.59 -6.33
C CYS B 87 -4.08 -10.76 -6.81
N SER B 88 -4.75 -10.61 -7.93
CA SER B 88 -5.61 -11.70 -8.36
C SER B 88 -4.84 -13.00 -8.60
N ALA B 89 -3.55 -12.90 -8.88
CA ALA B 89 -2.67 -14.06 -9.03
C ALA B 89 -3.29 -15.32 -9.67
N LEU B 90 -3.99 -15.15 -10.78
CA LEU B 90 -4.73 -16.26 -11.44
C LEU B 90 -3.90 -17.46 -11.87
N LYS B 91 -2.69 -17.19 -12.33
CA LYS B 91 -1.85 -18.25 -12.85
C LYS B 91 -0.94 -18.77 -11.77
N LYS B 92 -0.77 -20.09 -11.79
CA LYS B 92 0.11 -20.75 -10.86
C LYS B 92 1.46 -20.05 -10.90
N HIS B 93 2.01 -19.85 -12.08
CA HIS B 93 3.30 -19.19 -12.25
C HIS B 93 3.40 -17.85 -11.50
N TYR B 94 2.34 -17.06 -11.52
CA TYR B 94 2.37 -15.77 -10.84
C TYR B 94 2.57 -16.01 -9.35
N ARG B 95 1.87 -17.03 -8.87
CA ARG B 95 1.92 -17.37 -7.47
C ARG B 95 3.31 -17.86 -7.05
N ASP B 96 4.00 -18.56 -7.95
CA ASP B 96 5.35 -19.01 -7.66
C ASP B 96 6.29 -17.82 -7.62
N LEU B 97 6.07 -16.90 -8.54
CA LEU B 97 6.83 -15.68 -8.57
C LEU B 97 6.70 -14.99 -7.19
N LEU B 98 5.50 -14.98 -6.62
CA LEU B 98 5.30 -14.34 -5.33
C LEU B 98 5.93 -15.14 -4.19
N ARG B 99 5.80 -16.47 -4.24
CA ARG B 99 6.35 -17.38 -3.23
C ARG B 99 7.84 -17.30 -3.01
N GLU B 100 8.60 -17.13 -4.09
CA GLU B 100 10.05 -17.24 -4.05
C GLU B 100 10.77 -16.38 -2.99
N GLY B 101 11.33 -17.03 -1.97
CA GLY B 101 12.08 -16.36 -0.91
C GLY B 101 11.17 -15.84 0.18
N ASN B 102 9.89 -16.20 0.08
CA ASN B 102 8.89 -15.78 1.05
C ASN B 102 8.14 -16.98 1.66
N PRO B 103 8.86 -17.82 2.43
CA PRO B 103 8.27 -19.05 2.97
C PRO B 103 7.21 -18.69 3.96
N ASN B 104 7.21 -17.44 4.41
CA ASN B 104 6.17 -16.98 5.30
C ASN B 104 5.00 -16.29 4.59
N LEU B 105 4.91 -16.51 3.28
CA LEU B 105 3.80 -15.97 2.51
C LEU B 105 2.80 -17.07 2.21
N SER B 106 1.52 -16.73 2.22
CA SER B 106 0.53 -17.69 1.81
C SER B 106 -0.64 -17.02 1.00
N PHE B 107 -1.49 -17.79 0.36
CA PHE B 107 -2.54 -17.16 -0.42
C PHE B 107 -3.91 -17.36 0.21
N ILE B 108 -4.81 -16.40 0.02
CA ILE B 108 -6.16 -16.56 0.52
C ILE B 108 -7.05 -16.44 -0.68
N TYR B 109 -7.50 -17.57 -1.18
CA TYR B 109 -8.33 -17.61 -2.38
C TYR B 109 -9.82 -17.25 -2.13
N LEU B 110 -10.27 -16.12 -2.67
CA LEU B 110 -11.68 -15.73 -2.55
C LEU B 110 -12.49 -16.43 -3.66
N LYS B 111 -12.90 -17.65 -3.35
CA LYS B 111 -13.50 -18.53 -4.32
C LYS B 111 -15.01 -18.39 -4.45
N GLY B 112 -15.48 -18.45 -5.68
CA GLY B 112 -16.91 -18.40 -5.96
C GLY B 112 -17.06 -18.54 -7.45
N ASP B 113 -18.27 -18.82 -7.94
CA ASP B 113 -18.40 -18.99 -9.37
C ASP B 113 -18.92 -17.78 -10.12
N PHE B 114 -18.99 -17.97 -11.43
CA PHE B 114 -19.44 -16.94 -12.35
C PHE B 114 -20.72 -16.21 -11.93
N ASP B 115 -21.84 -16.94 -11.90
CA ASP B 115 -23.11 -16.31 -11.58
C ASP B 115 -22.99 -15.38 -10.38
N VAL B 116 -22.30 -15.84 -9.34
CA VAL B 116 -22.19 -15.02 -8.14
C VAL B 116 -21.38 -13.76 -8.38
N ILE B 117 -20.26 -13.91 -9.08
CA ILE B 117 -19.41 -12.76 -9.32
C ILE B 117 -20.11 -11.82 -10.29
N GLU B 118 -20.69 -12.39 -11.33
CA GLU B 118 -21.41 -11.62 -12.32
C GLU B 118 -22.43 -10.72 -11.62
N SER B 119 -23.34 -11.34 -10.87
CA SER B 119 -24.33 -10.55 -10.17
C SER B 119 -23.66 -9.37 -9.52
N ARG B 120 -22.64 -9.61 -8.70
CA ARG B 120 -21.99 -8.52 -7.95
C ARG B 120 -21.36 -7.38 -8.80
N LEU B 121 -20.72 -7.73 -9.90
CA LEU B 121 -20.13 -6.70 -10.74
C LEU B 121 -21.24 -5.83 -11.28
N LYS B 122 -22.28 -6.50 -11.77
CA LYS B 122 -23.45 -5.85 -12.32
C LYS B 122 -24.14 -4.90 -11.34
N ALA B 123 -24.07 -5.19 -10.04
CA ALA B 123 -24.74 -4.33 -9.07
C ALA B 123 -23.99 -3.03 -8.79
N ARG B 124 -22.91 -2.79 -9.53
CA ARG B 124 -22.20 -1.53 -9.37
C ARG B 124 -23.04 -0.47 -10.06
N LYS B 125 -23.43 0.56 -9.30
CA LYS B 125 -24.28 1.60 -9.83
C LYS B 125 -23.55 2.27 -10.97
N GLY B 126 -24.23 2.42 -12.10
CA GLY B 126 -23.61 3.06 -13.25
C GLY B 126 -22.69 2.18 -14.09
N HIS B 127 -22.37 1.00 -13.60
CA HIS B 127 -21.49 0.12 -14.35
C HIS B 127 -22.19 -0.68 -15.46
N PHE B 128 -21.74 -0.50 -16.69
CA PHE B 128 -22.27 -1.27 -17.80
C PHE B 128 -21.48 -2.57 -17.86
N PHE B 129 -22.08 -3.65 -17.38
CA PHE B 129 -21.40 -4.93 -17.33
C PHE B 129 -21.09 -5.57 -18.69
N LYS B 130 -19.81 -5.85 -18.91
CA LYS B 130 -19.35 -6.49 -20.14
C LYS B 130 -19.02 -7.94 -19.84
N THR B 131 -19.88 -8.85 -20.30
CA THR B 131 -19.73 -10.26 -20.01
C THR B 131 -18.35 -10.86 -20.29
N GLN B 132 -17.78 -10.51 -21.44
CA GLN B 132 -16.54 -11.13 -21.91
C GLN B 132 -15.37 -11.02 -20.92
N MET B 133 -15.31 -9.89 -20.21
CA MET B 133 -14.29 -9.64 -19.22
C MET B 133 -14.24 -10.80 -18.22
N LEU B 134 -15.35 -11.02 -17.53
CA LEU B 134 -15.42 -12.05 -16.51
C LEU B 134 -15.16 -13.41 -17.11
N VAL B 135 -15.70 -13.64 -18.30
CA VAL B 135 -15.48 -14.91 -18.98
C VAL B 135 -13.98 -15.15 -19.15
N THR B 136 -13.24 -14.10 -19.53
CA THR B 136 -11.80 -14.27 -19.72
C THR B 136 -11.13 -14.51 -18.37
N GLN B 137 -11.64 -13.88 -17.33
CA GLN B 137 -11.07 -14.08 -16.02
C GLN B 137 -11.12 -15.57 -15.64
N PHE B 138 -12.27 -16.20 -15.85
CA PHE B 138 -12.40 -17.61 -15.49
C PHE B 138 -11.57 -18.55 -16.37
N GLU B 139 -11.45 -18.22 -17.65
CA GLU B 139 -10.60 -18.99 -18.54
C GLU B 139 -9.18 -18.94 -17.99
N THR B 140 -8.77 -17.75 -17.57
CA THR B 140 -7.40 -17.57 -17.15
C THR B 140 -7.11 -18.19 -15.78
N LEU B 141 -8.14 -18.31 -14.95
CA LEU B 141 -8.00 -18.84 -13.59
C LEU B 141 -7.48 -20.27 -13.54
N GLN B 142 -6.39 -20.44 -12.80
CA GLN B 142 -5.85 -21.76 -12.59
C GLN B 142 -6.01 -21.92 -11.10
N GLU B 143 -7.08 -22.58 -10.71
CA GLU B 143 -7.38 -22.74 -9.30
C GLU B 143 -6.23 -23.48 -8.59
N PRO B 144 -5.84 -22.97 -7.44
CA PRO B 144 -4.83 -23.66 -6.64
C PRO B 144 -5.41 -24.96 -6.13
N GLY B 145 -4.88 -26.07 -6.60
CA GLY B 145 -5.30 -27.36 -6.10
C GLY B 145 -4.66 -27.64 -4.74
N ALA B 146 -4.90 -28.84 -4.23
CA ALA B 146 -4.41 -29.29 -2.93
C ALA B 146 -2.89 -29.30 -2.82
N ASP B 147 -2.21 -29.53 -3.93
CA ASP B 147 -0.76 -29.50 -3.96
C ASP B 147 -0.19 -28.10 -3.63
N GLU B 148 -1.00 -27.06 -3.69
CA GLU B 148 -0.48 -25.74 -3.29
C GLU B 148 -0.84 -25.59 -1.83
N THR B 149 0.08 -26.03 -0.97
CA THR B 149 -0.20 -26.11 0.45
C THR B 149 -0.21 -24.80 1.23
N ASP B 150 0.22 -23.72 0.57
CA ASP B 150 0.23 -22.41 1.22
C ASP B 150 -1.06 -21.63 0.90
N VAL B 151 -2.08 -22.36 0.41
CA VAL B 151 -3.34 -21.73 0.03
C VAL B 151 -4.52 -21.97 0.96
N LEU B 152 -5.12 -20.88 1.46
CA LEU B 152 -6.31 -20.96 2.30
C LEU B 152 -7.52 -20.57 1.45
N VAL B 153 -8.69 -21.14 1.71
CA VAL B 153 -9.85 -20.84 0.86
C VAL B 153 -11.03 -20.28 1.63
N VAL B 154 -11.62 -19.24 1.05
CA VAL B 154 -12.74 -18.55 1.66
C VAL B 154 -13.91 -18.47 0.68
N ASP B 155 -15.11 -18.69 1.22
CA ASP B 155 -16.37 -18.72 0.50
C ASP B 155 -16.88 -17.32 0.19
N ILE B 156 -16.86 -16.90 -1.08
CA ILE B 156 -17.37 -15.56 -1.37
C ILE B 156 -18.90 -15.45 -1.42
N ASP B 157 -19.60 -16.58 -1.53
CA ASP B 157 -21.06 -16.56 -1.62
C ASP B 157 -21.71 -16.32 -0.27
N GLN B 158 -21.23 -15.30 0.41
CA GLN B 158 -21.61 -15.02 1.76
C GLN B 158 -21.51 -13.51 1.81
N PRO B 159 -22.32 -12.85 2.62
CA PRO B 159 -22.21 -11.40 2.72
C PRO B 159 -20.79 -10.94 3.05
N LEU B 160 -20.39 -9.83 2.43
CA LEU B 160 -19.09 -9.20 2.62
C LEU B 160 -18.51 -9.41 3.99
N GLU B 161 -19.27 -8.99 5.00
CA GLU B 161 -18.77 -9.00 6.37
C GLU B 161 -18.55 -10.42 6.88
N GLY B 162 -19.28 -11.38 6.30
CA GLY B 162 -19.02 -12.77 6.60
C GLY B 162 -17.74 -13.21 5.89
N VAL B 163 -17.57 -12.72 4.66
CA VAL B 163 -16.37 -13.06 3.90
C VAL B 163 -15.21 -12.52 4.69
N VAL B 164 -15.40 -11.32 5.21
CA VAL B 164 -14.40 -10.70 6.03
C VAL B 164 -14.04 -11.63 7.18
N ALA B 165 -15.04 -11.98 7.98
CA ALA B 165 -14.83 -12.85 9.13
C ALA B 165 -14.20 -14.17 8.73
N SER B 166 -14.69 -14.78 7.65
CA SER B 166 -14.09 -16.02 7.24
C SER B 166 -12.60 -15.79 6.91
N THR B 167 -12.31 -14.61 6.36
CA THR B 167 -10.94 -14.26 6.03
C THR B 167 -10.21 -14.08 7.33
N ILE B 168 -10.80 -13.28 8.19
CA ILE B 168 -10.20 -13.06 9.49
C ILE B 168 -10.00 -14.41 10.20
N GLU B 169 -10.96 -15.31 10.05
CA GLU B 169 -10.89 -16.63 10.68
C GLU B 169 -9.71 -17.47 10.15
N VAL B 170 -9.51 -17.48 8.84
CA VAL B 170 -8.41 -18.24 8.29
C VAL B 170 -7.06 -17.61 8.60
N ILE B 171 -7.06 -16.30 8.79
CA ILE B 171 -5.84 -15.57 9.13
C ILE B 171 -5.45 -15.89 10.57
N LYS B 172 -6.44 -15.93 11.44
CA LYS B 172 -6.18 -16.19 12.85
C LYS B 172 -6.09 -17.69 13.17
N LYS B 173 -6.56 -18.51 12.24
CA LYS B 173 -6.51 -19.96 12.38
C LYS B 173 -5.11 -20.41 12.77
N GLY B 174 -4.13 -19.56 12.49
CA GLY B 174 -2.75 -19.86 12.80
C GLY B 174 -1.79 -18.81 12.27
MG MG C . 4.80 5.36 10.72
PG ATP D . 7.18 6.63 12.04
O1G ATP D . 8.35 6.50 12.91
O2G ATP D . 7.51 7.51 10.81
O3G ATP D . 6.72 5.29 11.50
PB ATP D . 4.79 8.04 12.23
O1B ATP D . 4.19 7.17 11.22
O2B ATP D . 4.96 9.48 11.72
O3B ATP D . 6.11 7.45 12.88
PA ATP D . 2.75 7.24 14.05
O1A ATP D . 1.71 7.28 13.04
O2A ATP D . 3.18 5.78 14.25
O3A ATP D . 3.96 8.19 13.59
O5' ATP D . 2.34 8.03 15.39
C5' ATP D . 3.17 8.16 16.53
C4' ATP D . 2.42 7.72 17.79
O4' ATP D . 1.55 8.71 18.29
C3' ATP D . 1.52 6.52 17.55
O3' ATP D . 1.46 5.85 18.77
C2' ATP D . 0.16 7.11 17.29
O2' ATP D . -0.88 6.27 17.76
C1' ATP D . 0.19 8.36 18.12
N9 ATP D . -0.45 9.50 17.45
C8 ATP D . -0.35 9.91 16.16
N7 ATP D . -1.08 11.05 16.01
C5 ATP D . -1.60 11.38 17.20
C6 ATP D . -2.41 12.44 17.64
N6 ATP D . -2.61 13.51 16.90
N1 ATP D . -2.78 12.47 18.96
C2 ATP D . -2.37 11.51 19.84
N3 ATP D . -1.59 10.46 19.41
C4 ATP D . -1.21 10.42 18.12
MG MG E . -9.96 -4.81 -6.65
PG ATP F . -11.12 -6.06 -9.15
O1G ATP F . -11.79 -5.87 -10.45
O2G ATP F . -9.90 -7.00 -9.23
O3G ATP F . -10.69 -4.75 -8.52
PB ATP F . -11.97 -7.14 -6.71
O1B ATP F . -11.05 -6.19 -6.05
O2B ATP F . -11.61 -8.61 -6.50
O3B ATP F . -12.21 -6.81 -8.25
PA ATP F . -14.10 -5.76 -5.37
O1A ATP F . -13.53 -5.76 -4.01
O2A ATP F . -13.97 -4.40 -6.10
O3A ATP F . -13.49 -6.98 -6.24
O5' ATP F . -15.64 -6.21 -5.30
C5' ATP F . -16.50 -6.38 -6.40
C4' ATP F . -17.84 -5.73 -6.02
O4' ATP F . -18.65 -6.56 -5.21
C3' ATP F . -17.55 -4.50 -5.17
O3' ATP F . -18.42 -3.49 -5.55
C2' ATP F . -17.85 -4.89 -3.75
O2' ATP F . -18.42 -3.76 -3.13
C1' ATP F . -18.82 -6.05 -3.90
N9 ATP F . -18.61 -7.19 -2.96
C8 ATP F . -17.42 -7.74 -2.59
N7 ATP F . -17.64 -8.77 -1.76
C5 ATP F . -18.97 -8.91 -1.60
C6 ATP F . -19.72 -9.81 -0.84
N6 ATP F . -19.18 -10.97 -0.50
N1 ATP F . -21.09 -9.71 -0.85
C2 ATP F . -21.68 -8.72 -1.62
N3 ATP F . -20.92 -7.84 -2.36
C4 ATP F . -19.59 -7.93 -2.35
#